data_3F8N
#
_entry.id   3F8N
#
_cell.length_a   49.300
_cell.length_b   63.340
_cell.length_c   66.730
_cell.angle_alpha   90.00
_cell.angle_beta   80.41
_cell.angle_gamma   90.00
#
_symmetry.space_group_name_H-M   'P 1 21 1'
#
loop_
_entity.id
_entity.type
_entity.pdbx_description
1 polymer 'Peroxide operon regulator'
2 non-polymer 'MANGANESE (II) ION'
3 non-polymer 'ZINC ION'
4 water water
#
_entity_poly.entity_id   1
_entity_poly.type   'polypeptide(L)'
_entity_poly.pdbx_seq_one_letter_code
;MAAHELKEALETLKETGVRITPQRHAILEYLVNSMAHPTADDIYKALEGKFPNMSVATVYNNLRVFRESGLVKELTYGDA
SSRFDFVTSDHYHAICENCGKIVDFHYPGLDEVEQLAAHVTGFKVSHHRLEIYGVCQECSKKENH
;
_entity_poly.pdbx_strand_id   A,B
#
loop_
_chem_comp.id
_chem_comp.type
_chem_comp.name
_chem_comp.formula
MN non-polymer 'MANGANESE (II) ION' 'Mn 2'
ZN non-polymer 'ZINC ION' 'Zn 2'
#
# COMPACT_ATOMS: atom_id res chain seq x y z
N HIS A 4 20.56 20.19 -12.04
CA HIS A 4 19.89 19.47 -13.17
C HIS A 4 19.79 17.96 -12.92
N GLU A 5 18.79 17.33 -13.54
CA GLU A 5 18.44 15.92 -13.33
C GLU A 5 19.63 14.96 -13.33
N LEU A 6 20.13 14.64 -14.54
CA LEU A 6 21.30 13.77 -14.71
C LEU A 6 22.49 14.27 -13.89
N LYS A 7 22.93 15.49 -14.22
CA LYS A 7 24.09 16.12 -13.61
C LYS A 7 24.16 15.93 -12.09
N GLU A 8 23.06 16.26 -11.41
CA GLU A 8 23.02 16.15 -9.95
C GLU A 8 23.14 14.71 -9.50
N ALA A 9 22.33 13.85 -10.12
CA ALA A 9 22.28 12.43 -9.81
C ALA A 9 23.65 11.77 -10.00
N LEU A 10 24.28 12.04 -11.15
CA LEU A 10 25.60 11.52 -11.44
C LEU A 10 26.62 11.89 -10.36
N GLU A 11 26.50 13.10 -9.84
CA GLU A 11 27.37 13.56 -8.78
C GLU A 11 27.12 12.85 -7.46
N THR A 12 25.86 12.45 -7.24
CA THR A 12 25.48 11.79 -5.99
C THR A 12 25.98 10.35 -5.93
N LEU A 13 26.16 9.71 -7.09
CA LEU A 13 26.77 8.40 -7.15
C LEU A 13 28.22 8.52 -6.74
N LYS A 14 28.91 9.44 -7.42
CA LYS A 14 30.29 9.78 -7.10
C LYS A 14 30.44 10.00 -5.58
N GLU A 15 29.44 10.63 -4.97
CA GLU A 15 29.43 10.91 -3.53
C GLU A 15 29.48 9.66 -2.65
N THR A 16 28.55 8.70 -2.85
CA THR A 16 28.57 7.45 -2.07
C THR A 16 29.63 6.46 -2.53
N GLY A 17 30.40 6.83 -3.57
CA GLY A 17 31.50 6.00 -4.06
C GLY A 17 31.25 5.43 -5.45
N VAL A 18 30.09 4.78 -5.61
CA VAL A 18 29.64 4.12 -6.86
C VAL A 18 30.16 4.72 -8.20
N ARG A 19 30.96 3.93 -8.92
CA ARG A 19 31.54 4.34 -10.21
C ARG A 19 30.52 4.16 -11.32
N ILE A 20 30.50 5.07 -12.29
CA ILE A 20 29.48 5.05 -13.33
C ILE A 20 29.97 4.45 -14.66
N THR A 21 29.82 3.14 -14.82
CA THR A 21 30.10 2.48 -16.10
C THR A 21 29.06 2.87 -17.15
N PRO A 22 29.40 2.69 -18.44
CA PRO A 22 28.51 3.09 -19.53
C PRO A 22 27.07 2.60 -19.36
N GLN A 23 26.91 1.35 -18.90
CA GLN A 23 25.57 0.81 -18.68
C GLN A 23 24.86 1.47 -17.50
N ARG A 24 25.56 1.62 -16.38
CA ARG A 24 24.97 2.29 -15.22
C ARG A 24 24.40 3.65 -15.62
N HIS A 25 25.11 4.32 -16.51
CA HIS A 25 24.69 5.60 -17.07
C HIS A 25 23.39 5.43 -17.86
N ALA A 26 23.43 4.53 -18.85
CA ALA A 26 22.31 4.29 -19.75
C ALA A 26 20.99 4.06 -19.01
N ILE A 27 21.08 3.32 -17.90
CA ILE A 27 19.92 3.08 -17.02
C ILE A 27 19.36 4.40 -16.48
N LEU A 28 20.22 5.31 -16.05
CA LEU A 28 19.75 6.57 -15.49
C LEU A 28 19.07 7.45 -16.52
N GLU A 29 19.82 7.83 -17.54
CA GLU A 29 19.30 8.60 -18.68
C GLU A 29 17.90 8.09 -19.05
N TYR A 30 17.75 6.77 -19.13
CA TYR A 30 16.44 6.16 -19.34
C TYR A 30 15.44 6.54 -18.25
N LEU A 31 15.84 6.37 -16.98
CA LEU A 31 14.94 6.66 -15.86
C LEU A 31 14.53 8.12 -15.80
N VAL A 32 15.43 9.01 -16.22
CA VAL A 32 15.08 10.42 -16.30
C VAL A 32 14.08 10.61 -17.45
N ASN A 33 14.49 10.27 -18.67
CA ASN A 33 13.66 10.46 -19.87
C ASN A 33 12.28 9.81 -19.84
N SER A 34 12.22 8.51 -19.55
CA SER A 34 10.95 7.80 -19.58
C SER A 34 10.07 8.17 -18.41
N MET A 35 9.16 9.11 -18.66
CA MET A 35 8.11 9.44 -17.69
C MET A 35 7.07 8.31 -17.59
N ALA A 36 7.55 7.08 -17.68
CA ALA A 36 6.80 5.93 -17.22
C ALA A 36 7.28 5.71 -15.79
N HIS A 37 6.93 4.56 -15.22
CA HIS A 37 7.50 4.15 -13.95
C HIS A 37 8.03 2.74 -14.17
N PRO A 38 9.06 2.62 -15.02
CA PRO A 38 9.39 1.33 -15.62
C PRO A 38 9.80 0.28 -14.60
N THR A 39 9.66 -0.97 -15.02
CA THR A 39 10.16 -2.09 -14.28
C THR A 39 11.51 -2.45 -14.87
N ALA A 40 12.28 -3.26 -14.14
CA ALA A 40 13.56 -3.76 -14.62
C ALA A 40 13.46 -4.22 -16.07
N ASP A 41 12.42 -4.99 -16.36
CA ASP A 41 12.28 -5.64 -17.64
C ASP A 41 11.99 -4.68 -18.80
N ASP A 42 11.28 -3.59 -18.50
CA ASP A 42 11.08 -2.53 -19.50
C ASP A 42 12.42 -1.85 -19.78
N ILE A 43 13.21 -1.63 -18.74
CA ILE A 43 14.55 -1.04 -18.86
C ILE A 43 15.47 -2.00 -19.60
N TYR A 44 15.32 -3.30 -19.30
CA TYR A 44 16.11 -4.35 -19.94
C TYR A 44 15.87 -4.36 -21.43
N LYS A 45 14.64 -4.62 -21.84
CA LYS A 45 14.30 -4.77 -23.25
C LYS A 45 14.52 -3.47 -24.03
N ALA A 46 14.46 -2.33 -23.33
CA ALA A 46 14.71 -1.03 -23.97
C ALA A 46 16.19 -0.82 -24.26
N LEU A 47 17.04 -1.37 -23.39
CA LEU A 47 18.48 -1.14 -23.44
C LEU A 47 19.31 -2.34 -23.87
N GLU A 48 18.68 -3.51 -24.02
CA GLU A 48 19.38 -4.71 -24.51
C GLU A 48 20.29 -4.35 -25.69
N GLY A 49 19.90 -3.29 -26.40
CA GLY A 49 20.72 -2.60 -27.39
C GLY A 49 21.82 -3.42 -28.04
N LYS A 50 23.08 -2.98 -27.95
CA LYS A 50 23.55 -1.77 -27.25
C LYS A 50 24.23 -2.15 -25.94
N PHE A 51 23.60 -3.03 -25.18
CA PHE A 51 24.22 -3.62 -24.00
C PHE A 51 23.92 -5.10 -23.96
N PRO A 52 24.44 -5.86 -24.95
CA PRO A 52 24.13 -7.27 -25.17
C PRO A 52 24.49 -8.16 -24.00
N ASN A 53 25.56 -7.83 -23.29
CA ASN A 53 26.06 -8.70 -22.22
C ASN A 53 25.53 -8.42 -20.81
N MET A 54 24.57 -7.49 -20.70
CA MET A 54 24.00 -7.15 -19.40
C MET A 54 22.72 -7.92 -19.11
N SER A 55 22.70 -8.64 -17.99
CA SER A 55 21.55 -9.46 -17.62
C SER A 55 20.45 -8.62 -16.97
N VAL A 56 19.29 -9.25 -16.75
CA VAL A 56 18.17 -8.60 -16.08
C VAL A 56 18.46 -8.40 -14.59
N ALA A 57 19.07 -9.40 -13.98
CA ALA A 57 19.46 -9.33 -12.58
C ALA A 57 20.40 -8.14 -12.35
N THR A 58 21.30 -7.92 -13.32
CA THR A 58 22.23 -6.81 -13.30
C THR A 58 21.48 -5.47 -13.23
N VAL A 59 20.48 -5.31 -14.10
CA VAL A 59 19.59 -4.15 -14.01
C VAL A 59 18.98 -4.10 -12.60
N TYR A 60 18.44 -5.23 -12.16
CA TYR A 60 17.80 -5.35 -10.85
C TYR A 60 18.76 -5.02 -9.71
N ASN A 61 20.05 -5.08 -10.00
CA ASN A 61 21.10 -4.77 -9.02
C ASN A 61 21.53 -3.30 -9.02
N ASN A 62 21.80 -2.76 -10.19
CA ASN A 62 22.12 -1.35 -10.32
C ASN A 62 21.00 -0.47 -9.75
N LEU A 63 19.76 -0.88 -10.01
CA LEU A 63 18.59 -0.20 -9.47
C LEU A 63 18.59 -0.30 -7.96
N ARG A 64 19.01 -1.45 -7.43
CA ARG A 64 19.03 -1.67 -5.99
C ARG A 64 20.16 -0.86 -5.33
N VAL A 65 21.19 -0.56 -6.14
CA VAL A 65 22.22 0.41 -5.79
C VAL A 65 21.59 1.80 -5.71
N PHE A 66 21.05 2.26 -6.85
CA PHE A 66 20.42 3.56 -6.95
C PHE A 66 19.40 3.80 -5.84
N ARG A 67 18.62 2.76 -5.51
CA ARG A 67 17.64 2.84 -4.42
C ARG A 67 18.35 3.26 -3.14
N GLU A 68 19.36 2.46 -2.76
CA GLU A 68 20.12 2.63 -1.51
C GLU A 68 20.75 4.00 -1.37
N SER A 69 21.18 4.60 -2.49
CA SER A 69 21.74 5.96 -2.46
C SER A 69 20.72 7.02 -2.86
N GLY A 70 19.47 6.78 -2.44
CA GLY A 70 18.38 7.74 -2.58
C GLY A 70 18.19 8.45 -3.91
N LEU A 71 18.53 7.79 -5.01
CA LEU A 71 18.38 8.36 -6.34
C LEU A 71 17.13 7.88 -7.10
N VAL A 72 16.39 6.97 -6.47
CA VAL A 72 15.21 6.34 -7.06
C VAL A 72 14.41 5.66 -5.93
N LYS A 73 13.09 5.63 -6.08
CA LYS A 73 12.24 4.92 -5.13
C LYS A 73 11.69 3.65 -5.77
N GLU A 74 11.61 2.57 -4.99
CA GLU A 74 11.07 1.31 -5.48
C GLU A 74 9.61 1.12 -5.09
N LEU A 75 8.73 1.23 -6.08
CA LEU A 75 7.32 0.98 -5.87
C LEU A 75 7.14 -0.51 -5.70
N THR A 76 7.26 -0.93 -4.46
CA THR A 76 7.28 -2.33 -4.06
C THR A 76 5.99 -3.04 -4.42
N TYR A 77 4.89 -2.29 -4.45
CA TYR A 77 3.57 -2.85 -4.73
C TYR A 77 3.34 -3.20 -6.20
N GLY A 78 3.17 -4.50 -6.46
CA GLY A 78 3.19 -5.50 -5.39
C GLY A 78 3.44 -6.89 -5.91
N ASP A 79 2.78 -7.86 -5.29
CA ASP A 79 2.75 -9.25 -5.74
C ASP A 79 4.11 -9.78 -6.22
N ALA A 80 4.23 -9.81 -7.55
CA ALA A 80 5.36 -10.21 -8.35
C ALA A 80 6.34 -9.08 -8.70
N SER A 81 6.11 -8.34 -9.79
CA SER A 81 7.09 -7.37 -10.30
C SER A 81 7.11 -6.02 -9.57
N SER A 82 8.27 -5.35 -9.56
CA SER A 82 8.44 -4.05 -8.89
C SER A 82 8.62 -2.90 -9.90
N ARG A 83 8.03 -1.74 -9.58
CA ARG A 83 8.18 -0.53 -10.40
C ARG A 83 9.15 0.44 -9.76
N PHE A 84 9.79 1.26 -10.59
CA PHE A 84 10.80 2.21 -10.12
C PHE A 84 10.55 3.63 -10.66
N ASP A 85 10.72 4.62 -9.79
CA ASP A 85 10.46 6.02 -10.15
C ASP A 85 11.64 6.93 -9.76
N PHE A 86 12.22 7.59 -10.76
CA PHE A 86 13.37 8.47 -10.59
C PHE A 86 13.01 9.65 -9.68
N VAL A 87 13.56 9.65 -8.47
CA VAL A 87 13.15 10.59 -7.42
C VAL A 87 13.38 12.04 -7.77
N THR A 88 12.37 12.84 -7.47
CA THR A 88 12.37 14.28 -7.69
C THR A 88 11.73 14.95 -6.46
N SER A 89 10.48 15.42 -6.59
CA SER A 89 9.72 16.05 -5.51
C SER A 89 8.23 16.06 -5.87
N ASP A 90 7.34 15.54 -5.01
CA ASP A 90 7.65 14.87 -3.74
C ASP A 90 6.41 14.43 -2.93
N HIS A 91 5.45 13.64 -3.44
CA HIS A 91 5.22 13.15 -4.81
C HIS A 91 3.90 12.35 -4.68
N TYR A 92 3.03 12.34 -5.69
CA TYR A 92 1.77 11.59 -5.54
C TYR A 92 1.33 10.69 -6.69
N HIS A 93 0.68 9.58 -6.33
CA HIS A 93 0.33 8.54 -7.28
C HIS A 93 -1.16 8.21 -7.38
N ALA A 94 -1.65 8.25 -8.61
CA ALA A 94 -3.01 7.83 -8.96
C ALA A 94 -2.92 6.68 -9.96
N ILE A 95 -3.49 5.54 -9.57
CA ILE A 95 -3.29 4.28 -10.29
C ILE A 95 -4.56 3.83 -11.00
N CYS A 96 -4.38 3.21 -12.16
CA CYS A 96 -5.48 2.64 -12.93
C CYS A 96 -5.75 1.23 -12.44
N GLU A 97 -7.00 0.97 -12.05
CA GLU A 97 -7.42 -0.33 -11.50
C GLU A 97 -7.41 -1.41 -12.57
N ASN A 98 -7.40 -0.98 -13.83
CA ASN A 98 -7.41 -1.89 -14.96
C ASN A 98 -6.04 -2.14 -15.60
N CYS A 99 -5.38 -1.10 -16.08
CA CYS A 99 -4.10 -1.29 -16.75
C CYS A 99 -2.89 -0.96 -15.89
N GLY A 100 -3.11 -0.23 -14.81
CA GLY A 100 -2.04 0.06 -13.85
C GLY A 100 -1.16 1.27 -14.12
N LYS A 101 -1.56 2.14 -15.05
CA LYS A 101 -0.84 3.38 -15.36
C LYS A 101 -0.81 4.32 -14.13
N ILE A 102 0.21 5.18 -14.07
CA ILE A 102 0.56 5.87 -12.83
C ILE A 102 0.74 7.39 -12.91
N VAL A 103 0.33 8.01 -14.02
CA VAL A 103 0.31 9.50 -14.13
C VAL A 103 1.28 10.34 -13.25
N ASP A 104 0.86 10.67 -12.01
CA ASP A 104 1.56 11.61 -11.08
C ASP A 104 0.82 12.94 -10.95
N PHE A 105 0.48 13.37 -9.73
CA PHE A 105 -0.36 14.57 -9.61
C PHE A 105 0.09 15.80 -8.78
N HIS A 106 0.43 15.63 -7.50
CA HIS A 106 0.75 16.74 -6.57
C HIS A 106 -0.47 17.33 -5.86
N TYR A 107 -0.46 17.27 -4.53
CA TYR A 107 -1.48 17.91 -3.74
C TYR A 107 -0.91 18.55 -2.47
N PRO A 108 -0.51 19.83 -2.58
CA PRO A 108 -0.01 20.50 -1.39
C PRO A 108 -1.16 21.14 -0.62
N GLY A 109 -1.37 20.78 0.65
CA GLY A 109 -0.68 19.71 1.36
C GLY A 109 -1.56 19.46 2.58
N LEU A 110 -1.17 18.60 3.51
CA LEU A 110 -0.15 17.58 3.33
C LEU A 110 -0.54 16.37 4.19
N ASP A 111 -0.66 16.43 5.54
CA ASP A 111 -0.33 17.50 6.53
C ASP A 111 -0.83 18.95 6.39
N GLU A 112 -1.78 19.40 7.23
CA GLU A 112 -2.50 18.64 8.27
C GLU A 112 -1.75 17.48 8.94
N VAL A 113 -2.46 16.39 9.14
CA VAL A 113 -1.84 15.10 9.45
C VAL A 113 -1.05 14.66 8.22
N GLU A 114 0.19 14.18 8.35
CA GLU A 114 1.00 13.88 9.56
C GLU A 114 0.67 14.47 10.96
N GLN A 115 0.57 15.79 11.06
CA GLN A 115 0.44 16.44 12.37
C GLN A 115 -0.73 15.98 13.23
N LEU A 116 -1.94 15.93 12.67
CA LEU A 116 -3.13 15.58 13.46
C LEU A 116 -3.03 14.21 14.13
N ALA A 117 -2.75 13.18 13.32
CA ALA A 117 -2.60 11.81 13.83
C ALA A 117 -1.58 11.79 14.95
N ALA A 118 -0.44 12.44 14.69
CA ALA A 118 0.62 12.55 15.67
C ALA A 118 0.02 12.97 17.01
N HIS A 119 -1.00 13.83 16.94
CA HIS A 119 -1.65 14.30 18.16
C HIS A 119 -2.62 13.27 18.72
N VAL A 120 -3.45 12.71 17.85
CA VAL A 120 -4.56 11.86 18.30
C VAL A 120 -4.16 10.41 18.69
N THR A 121 -2.91 10.04 18.39
CA THR A 121 -2.44 8.67 18.60
C THR A 121 -1.18 8.62 19.46
N GLY A 122 -0.55 9.78 19.63
CA GLY A 122 0.74 9.90 20.33
C GLY A 122 1.83 9.14 19.60
N PHE A 123 2.04 9.48 18.34
CA PHE A 123 3.02 8.78 17.51
C PHE A 123 4.14 9.71 17.06
N LYS A 124 5.36 9.18 16.97
CA LYS A 124 6.45 9.91 16.32
C LYS A 124 6.35 9.68 14.82
N VAL A 125 5.53 10.51 14.17
CA VAL A 125 5.18 10.34 12.75
C VAL A 125 6.33 10.58 11.78
N SER A 126 6.78 9.50 11.14
CA SER A 126 7.84 9.51 10.16
C SER A 126 7.38 10.16 8.86
N HIS A 127 6.37 9.57 8.22
CA HIS A 127 5.90 9.99 6.90
C HIS A 127 4.52 9.38 6.59
N HIS A 128 3.95 9.71 5.43
CA HIS A 128 2.67 9.15 5.04
C HIS A 128 2.72 8.66 3.60
N ARG A 129 1.81 7.77 3.25
CA ARG A 129 1.69 7.30 1.88
C ARG A 129 0.25 7.44 1.43
N LEU A 130 0.06 7.96 0.22
CA LEU A 130 -1.27 8.19 -0.32
C LEU A 130 -1.37 7.80 -1.79
N GLU A 131 -2.26 6.86 -2.09
CA GLU A 131 -2.63 6.53 -3.46
C GLU A 131 -4.09 6.85 -3.73
N ILE A 132 -4.36 7.15 -4.99
CA ILE A 132 -5.71 7.37 -5.48
C ILE A 132 -5.97 6.36 -6.59
N TYR A 133 -7.09 5.65 -6.50
CA TYR A 133 -7.43 4.64 -7.49
C TYR A 133 -8.61 5.07 -8.32
N GLY A 134 -8.55 4.74 -9.61
CA GLY A 134 -9.64 5.00 -10.54
C GLY A 134 -9.42 4.21 -11.82
N VAL A 135 -9.94 4.73 -12.93
CA VAL A 135 -9.74 4.14 -14.23
C VAL A 135 -9.34 5.27 -15.17
N CYS A 136 -8.58 4.95 -16.22
CA CYS A 136 -8.41 5.81 -17.39
C CYS A 136 -9.77 6.41 -17.78
N GLN A 137 -9.89 7.29 -18.79
CA GLN A 137 -9.14 7.36 -20.05
C GLN A 137 -9.47 6.12 -20.87
N GLU A 138 -9.88 5.05 -20.15
CA GLU A 138 -10.87 4.01 -20.55
C GLU A 138 -10.54 2.49 -20.71
N CYS A 139 -9.33 2.07 -21.04
CA CYS A 139 -8.07 2.73 -20.72
C CYS A 139 -7.50 3.63 -21.78
N SER A 140 -6.27 4.09 -21.54
CA SER A 140 -5.48 4.92 -22.46
C SER A 140 -6.05 6.34 -22.63
N HIS B 4 -27.06 -1.58 17.01
CA HIS B 4 -25.78 -2.31 17.25
C HIS B 4 -25.16 -2.84 15.97
N GLU B 5 -23.83 -2.90 16.00
CA GLU B 5 -23.03 -3.38 14.87
C GLU B 5 -23.14 -4.88 14.69
N LEU B 6 -23.35 -5.62 15.78
CA LEU B 6 -23.72 -7.04 15.70
C LEU B 6 -25.00 -7.19 14.90
N LYS B 7 -26.08 -6.68 15.49
CA LYS B 7 -27.43 -6.68 14.93
C LYS B 7 -27.45 -6.48 13.40
N GLU B 8 -26.84 -5.39 12.94
CA GLU B 8 -26.81 -5.07 11.52
C GLU B 8 -26.07 -6.13 10.71
N ALA B 9 -24.85 -6.43 11.17
CA ALA B 9 -23.99 -7.38 10.48
C ALA B 9 -24.64 -8.75 10.35
N LEU B 10 -25.25 -9.23 11.43
CA LEU B 10 -25.95 -10.51 11.40
C LEU B 10 -27.05 -10.56 10.35
N GLU B 11 -27.78 -9.46 10.18
CA GLU B 11 -28.82 -9.38 9.17
C GLU B 11 -28.23 -9.37 7.76
N THR B 12 -27.04 -8.80 7.63
CA THR B 12 -26.33 -8.72 6.35
C THR B 12 -25.91 -10.10 5.85
N LEU B 13 -25.62 -11.00 6.78
CA LEU B 13 -25.30 -12.38 6.43
C LEU B 13 -26.53 -13.07 5.88
N LYS B 14 -27.61 -13.03 6.66
CA LYS B 14 -28.91 -13.55 6.21
C LYS B 14 -29.18 -13.10 4.80
N GLU B 15 -28.96 -11.81 4.54
CA GLU B 15 -29.22 -11.19 3.24
C GLU B 15 -28.53 -11.90 2.08
N THR B 16 -27.22 -12.12 2.19
CA THR B 16 -26.47 -12.84 1.15
C THR B 16 -26.65 -14.36 1.21
N GLY B 17 -27.43 -14.83 2.18
CA GLY B 17 -27.70 -16.26 2.32
C GLY B 17 -27.07 -16.88 3.56
N VAL B 18 -25.74 -16.74 3.66
CA VAL B 18 -24.89 -17.24 4.76
C VAL B 18 -25.58 -17.46 6.11
N ARG B 19 -25.64 -18.73 6.55
CA ARG B 19 -26.28 -19.10 7.82
C ARG B 19 -25.27 -18.97 8.96
N ILE B 20 -25.73 -18.50 10.10
CA ILE B 20 -24.81 -18.18 11.19
C ILE B 20 -24.75 -19.27 12.28
N THR B 21 -23.82 -20.21 12.11
CA THR B 21 -23.56 -21.20 13.17
C THR B 21 -22.94 -20.52 14.37
N PRO B 22 -23.03 -21.17 15.56
CA PRO B 22 -22.46 -20.64 16.78
C PRO B 22 -21.02 -20.14 16.68
N GLN B 23 -20.17 -20.81 15.92
CA GLN B 23 -18.79 -20.33 15.76
C GLN B 23 -18.67 -19.13 14.85
N ARG B 24 -19.42 -19.10 13.76
CA ARG B 24 -19.42 -17.97 12.84
C ARG B 24 -19.84 -16.69 13.57
N HIS B 25 -20.74 -16.85 14.52
CA HIS B 25 -21.14 -15.78 15.42
C HIS B 25 -19.99 -15.37 16.32
N ALA B 26 -19.43 -16.33 17.04
CA ALA B 26 -18.32 -16.09 17.97
C ALA B 26 -17.17 -15.29 17.34
N ILE B 27 -16.89 -15.56 16.06
CA ILE B 27 -15.87 -14.84 15.31
C ILE B 27 -16.26 -13.38 15.10
N LEU B 28 -17.53 -13.12 14.81
CA LEU B 28 -18.04 -11.76 14.67
C LEU B 28 -17.95 -10.96 15.96
N GLU B 29 -18.65 -11.44 16.98
CA GLU B 29 -18.65 -10.79 18.28
C GLU B 29 -17.23 -10.41 18.68
N TYR B 30 -16.28 -11.31 18.43
CA TYR B 30 -14.86 -11.02 18.65
C TYR B 30 -14.36 -9.82 17.83
N LEU B 31 -14.66 -9.83 16.53
CA LEU B 31 -14.23 -8.78 15.61
C LEU B 31 -14.81 -7.42 15.96
N VAL B 32 -16.02 -7.44 16.50
CA VAL B 32 -16.64 -6.21 16.97
C VAL B 32 -15.86 -5.73 18.20
N ASN B 33 -15.86 -6.54 19.27
CA ASN B 33 -15.29 -6.14 20.54
C ASN B 33 -13.79 -5.86 20.54
N SER B 34 -13.02 -6.74 19.90
CA SER B 34 -11.58 -6.56 19.87
C SER B 34 -11.17 -5.42 18.96
N MET B 35 -10.97 -4.25 19.57
CA MET B 35 -10.46 -3.09 18.87
C MET B 35 -8.95 -3.24 18.57
N ALA B 36 -8.55 -4.48 18.29
CA ALA B 36 -7.28 -4.75 17.61
C ALA B 36 -7.60 -4.81 16.11
N HIS B 37 -6.64 -5.24 15.30
CA HIS B 37 -6.94 -5.57 13.92
C HIS B 37 -6.50 -7.01 13.72
N PRO B 38 -7.18 -7.97 14.39
CA PRO B 38 -6.60 -9.28 14.60
C PRO B 38 -6.36 -10.06 13.32
N THR B 39 -5.49 -11.06 13.44
CA THR B 39 -5.26 -12.01 12.37
C THR B 39 -6.06 -13.27 12.72
N ALA B 40 -6.18 -14.18 11.77
CA ALA B 40 -6.90 -15.42 11.99
C ALA B 40 -6.41 -16.14 13.24
N ASP B 41 -5.10 -16.15 13.43
CA ASP B 41 -4.47 -16.89 14.51
C ASP B 41 -4.78 -16.28 15.88
N ASP B 42 -4.91 -14.95 15.94
CA ASP B 42 -5.32 -14.29 17.19
C ASP B 42 -6.77 -14.61 17.49
N ILE B 43 -7.59 -14.68 16.45
CA ILE B 43 -8.98 -15.11 16.56
C ILE B 43 -9.04 -16.58 16.93
N TYR B 44 -8.19 -17.38 16.29
CA TYR B 44 -8.09 -18.81 16.58
C TYR B 44 -7.80 -19.06 18.04
N LYS B 45 -6.65 -18.61 18.52
CA LYS B 45 -6.21 -18.95 19.88
C LYS B 45 -7.06 -18.28 20.95
N ALA B 46 -7.78 -17.24 20.57
CA ALA B 46 -8.73 -16.57 21.46
C ALA B 46 -10.01 -17.37 21.60
N LEU B 47 -10.37 -18.07 20.53
CA LEU B 47 -11.65 -18.78 20.47
C LEU B 47 -11.54 -20.30 20.50
N GLU B 48 -10.33 -20.84 20.46
CA GLU B 48 -10.18 -22.31 20.47
C GLU B 48 -10.92 -22.92 21.67
N GLY B 49 -11.20 -22.07 22.65
CA GLY B 49 -12.19 -22.31 23.70
C GLY B 49 -12.53 -23.76 24.00
N LYS B 50 -13.80 -24.17 23.90
CA LYS B 50 -14.97 -23.37 23.48
C LYS B 50 -15.38 -23.73 22.05
N PHE B 51 -14.41 -23.74 21.14
CA PHE B 51 -14.60 -24.29 19.80
C PHE B 51 -13.43 -25.19 19.43
N PRO B 52 -13.34 -26.37 20.09
CA PRO B 52 -12.18 -27.25 20.00
C PRO B 52 -12.02 -27.85 18.62
N ASN B 53 -13.11 -28.07 17.90
CA ASN B 53 -13.04 -28.75 16.62
C ASN B 53 -12.94 -27.84 15.40
N MET B 54 -12.73 -26.55 15.63
CA MET B 54 -12.60 -25.58 14.55
C MET B 54 -11.15 -25.31 14.18
N SER B 55 -10.81 -25.51 12.92
CA SER B 55 -9.45 -25.34 12.45
C SER B 55 -9.14 -23.87 12.22
N VAL B 56 -7.86 -23.57 11.97
CA VAL B 56 -7.43 -22.21 11.64
C VAL B 56 -7.84 -21.83 10.21
N ALA B 57 -7.81 -22.81 9.31
CA ALA B 57 -8.24 -22.59 7.94
C ALA B 57 -9.71 -22.22 7.92
N THR B 58 -10.48 -22.84 8.81
CA THR B 58 -11.91 -22.58 8.90
C THR B 58 -12.17 -21.14 9.33
N VAL B 59 -11.39 -20.65 10.29
CA VAL B 59 -11.39 -19.23 10.62
C VAL B 59 -11.09 -18.44 9.35
N TYR B 60 -10.04 -18.85 8.63
CA TYR B 60 -9.56 -18.15 7.44
C TYR B 60 -10.57 -18.21 6.30
N ASN B 61 -11.52 -19.14 6.41
CA ASN B 61 -12.61 -19.28 5.42
C ASN B 61 -13.81 -18.41 5.75
N ASN B 62 -14.29 -18.49 7.00
CA ASN B 62 -15.36 -17.65 7.49
C ASN B 62 -15.07 -16.17 7.27
N LEU B 63 -13.82 -15.80 7.55
CA LEU B 63 -13.33 -14.45 7.31
C LEU B 63 -13.40 -14.11 5.83
N ARG B 64 -13.08 -15.08 4.99
CA ARG B 64 -13.12 -14.86 3.54
C ARG B 64 -14.56 -14.75 3.06
N VAL B 65 -15.49 -15.35 3.79
CA VAL B 65 -16.93 -15.17 3.55
C VAL B 65 -17.30 -13.73 3.93
N PHE B 66 -17.06 -13.38 5.20
CA PHE B 66 -17.36 -12.04 5.71
C PHE B 66 -16.79 -10.96 4.80
N ARG B 67 -15.57 -11.15 4.31
CA ARG B 67 -14.93 -10.18 3.41
C ARG B 67 -15.79 -9.99 2.16
N GLU B 68 -16.11 -11.12 1.51
CA GLU B 68 -16.90 -11.14 0.27
C GLU B 68 -18.26 -10.44 0.40
N SER B 69 -18.90 -10.58 1.56
CA SER B 69 -20.17 -9.90 1.79
C SER B 69 -19.97 -8.59 2.56
N GLY B 70 -18.86 -7.92 2.27
CA GLY B 70 -18.58 -6.56 2.75
C GLY B 70 -18.80 -6.26 4.22
N LEU B 71 -18.57 -7.26 5.07
CA LEU B 71 -18.70 -7.10 6.52
C LEU B 71 -17.38 -6.91 7.26
N VAL B 72 -16.28 -6.96 6.52
CA VAL B 72 -14.93 -6.76 7.04
C VAL B 72 -13.98 -6.52 5.87
N LYS B 73 -12.89 -5.79 6.14
CA LYS B 73 -11.84 -5.56 5.14
C LYS B 73 -10.60 -6.36 5.49
N GLU B 74 -9.96 -6.92 4.48
CA GLU B 74 -8.72 -7.68 4.67
C GLU B 74 -7.49 -6.81 4.42
N LEU B 75 -6.81 -6.45 5.50
CA LEU B 75 -5.55 -5.73 5.43
C LEU B 75 -4.50 -6.67 4.87
N THR B 76 -4.43 -6.71 3.54
CA THR B 76 -3.62 -7.68 2.80
C THR B 76 -2.14 -7.52 3.09
N TYR B 77 -1.73 -6.31 3.45
CA TYR B 77 -0.32 -6.01 3.71
C TYR B 77 0.20 -6.54 5.05
N GLY B 78 1.16 -7.45 4.99
CA GLY B 78 1.71 -7.92 3.72
C GLY B 78 2.35 -9.28 3.87
N ASP B 79 3.48 -9.48 3.20
CA ASP B 79 4.33 -10.67 3.35
C ASP B 79 3.62 -12.05 3.14
N ALA B 80 3.47 -13.01 4.08
CA ALA B 80 3.22 -13.03 5.53
C ALA B 80 1.73 -13.24 5.84
N SER B 81 1.36 -12.98 7.10
CA SER B 81 -0.03 -13.13 7.50
C SER B 81 -0.84 -11.87 7.21
N SER B 82 -2.16 -12.04 7.21
CA SER B 82 -3.10 -10.99 6.87
C SER B 82 -3.87 -10.51 8.11
N ARG B 83 -4.12 -9.20 8.19
CA ARG B 83 -4.90 -8.60 9.28
C ARG B 83 -6.30 -8.24 8.81
N PHE B 84 -7.23 -8.11 9.74
CA PHE B 84 -8.62 -7.81 9.40
C PHE B 84 -9.19 -6.71 10.30
N ASP B 85 -9.91 -5.76 9.69
CA ASP B 85 -10.49 -4.63 10.42
C ASP B 85 -11.92 -4.95 10.87
N PHE B 86 -12.91 -4.31 10.25
CA PHE B 86 -14.34 -4.64 10.46
C PHE B 86 -15.30 -3.71 9.69
N VAL B 87 -14.79 -2.94 8.73
CA VAL B 87 -15.62 -1.97 8.00
C VAL B 87 -16.70 -1.30 8.88
N THR B 88 -16.33 -1.03 10.14
CA THR B 88 -17.14 -0.18 11.02
C THR B 88 -17.28 1.20 10.40
N SER B 89 -16.25 1.62 9.66
CA SER B 89 -16.30 2.82 8.82
C SER B 89 -16.23 4.13 9.59
N ASP B 90 -15.35 5.06 9.21
CA ASP B 90 -14.17 4.86 8.35
C ASP B 90 -13.49 6.23 8.19
N HIS B 91 -12.16 6.35 8.32
CA HIS B 91 -11.23 5.33 8.83
C HIS B 91 -9.89 5.56 8.16
N TYR B 92 -8.88 5.88 8.95
CA TYR B 92 -7.51 5.92 8.43
C TYR B 92 -6.57 5.12 9.30
N HIS B 93 -5.47 4.65 8.71
CA HIS B 93 -4.58 3.80 9.46
C HIS B 93 -3.22 4.41 9.69
N ALA B 94 -2.86 4.49 10.98
CA ALA B 94 -1.53 4.90 11.41
C ALA B 94 -0.80 3.68 11.96
N ILE B 95 0.30 3.32 11.33
CA ILE B 95 1.01 2.10 11.66
C ILE B 95 2.38 2.38 12.29
N CYS B 96 2.80 1.48 13.19
CA CYS B 96 4.12 1.57 13.81
C CYS B 96 5.16 0.84 12.96
N GLU B 97 6.24 1.54 12.63
CA GLU B 97 7.31 0.99 11.79
C GLU B 97 8.06 -0.15 12.48
N ASN B 98 7.94 -0.19 13.80
CA ASN B 98 8.63 -1.18 14.62
C ASN B 98 7.78 -2.38 15.00
N CYS B 99 6.68 -2.17 15.71
CA CYS B 99 5.87 -3.30 16.17
C CYS B 99 4.68 -3.59 15.27
N GLY B 100 4.27 -2.60 14.49
CA GLY B 100 3.20 -2.78 13.52
C GLY B 100 1.78 -2.57 14.01
N LYS B 101 1.61 -2.03 15.22
CA LYS B 101 0.27 -1.73 15.75
C LYS B 101 -0.43 -0.64 14.92
N ILE B 102 -1.77 -0.61 15.00
CA ILE B 102 -2.58 0.17 14.03
C ILE B 102 -3.63 1.17 14.56
N VAL B 103 -3.25 2.15 15.39
CA VAL B 103 -4.20 3.22 15.78
C VAL B 103 -5.14 3.67 14.64
N ASP B 104 -6.41 3.89 14.97
CA ASP B 104 -7.48 4.16 13.97
C ASP B 104 -7.50 5.57 13.35
N PHE B 105 -8.02 6.55 14.08
CA PHE B 105 -8.07 7.99 13.65
C PHE B 105 -8.80 8.37 12.30
N HIS B 106 -9.47 9.52 12.32
CA HIS B 106 -10.22 10.04 11.16
C HIS B 106 -9.73 11.43 10.68
N TYR B 107 -9.81 11.66 9.36
CA TYR B 107 -9.49 12.97 8.77
C TYR B 107 -10.30 13.29 7.50
N PRO B 108 -11.35 14.12 7.64
CA PRO B 108 -12.03 14.69 6.48
C PRO B 108 -11.63 16.16 6.30
N GLY B 109 -11.45 16.63 5.07
CA GLY B 109 -11.46 15.86 3.83
C GLY B 109 -10.38 16.42 2.92
N LEU B 110 -9.74 15.60 2.07
CA LEU B 110 -10.08 14.21 1.82
C LEU B 110 -10.46 14.14 0.36
N ASP B 111 -11.10 15.23 -0.10
CA ASP B 111 -11.35 15.52 -1.51
C ASP B 111 -11.66 17.01 -1.67
N GLU B 112 -11.03 17.74 -2.60
CA GLU B 112 -9.84 17.36 -3.38
C GLU B 112 -9.86 16.00 -4.01
N VAL B 113 -8.72 15.59 -4.58
CA VAL B 113 -8.56 14.24 -5.07
C VAL B 113 -8.95 13.36 -3.92
N GLU B 114 -9.98 12.53 -4.07
CA GLU B 114 -10.65 12.22 -5.32
C GLU B 114 -10.69 13.31 -6.42
N GLN B 115 -11.37 14.42 -6.14
CA GLN B 115 -11.74 15.41 -7.15
C GLN B 115 -10.61 16.01 -8.00
N LEU B 116 -9.55 16.48 -7.34
CA LEU B 116 -8.45 17.13 -8.04
C LEU B 116 -7.73 16.25 -9.07
N ALA B 117 -7.29 15.06 -8.65
CA ALA B 117 -6.65 14.12 -9.56
C ALA B 117 -7.55 13.80 -10.73
N ALA B 118 -8.81 13.49 -10.42
CA ALA B 118 -9.83 13.26 -11.43
C ALA B 118 -9.75 14.33 -12.52
N HIS B 119 -9.40 15.56 -12.10
CA HIS B 119 -9.23 16.65 -13.02
C HIS B 119 -7.91 16.58 -13.76
N VAL B 120 -6.81 16.40 -13.03
CA VAL B 120 -5.47 16.52 -13.62
C VAL B 120 -5.02 15.29 -14.42
N THR B 121 -5.78 14.19 -14.31
CA THR B 121 -5.41 12.92 -14.93
C THR B 121 -6.47 12.42 -15.91
N GLY B 122 -7.67 13.00 -15.83
CA GLY B 122 -8.83 12.53 -16.60
C GLY B 122 -9.20 11.10 -16.23
N PHE B 123 -9.44 10.87 -14.94
CA PHE B 123 -9.66 9.53 -14.39
C PHE B 123 -10.96 9.44 -13.60
N LYS B 124 -11.74 8.38 -13.82
CA LYS B 124 -12.94 8.14 -12.99
C LYS B 124 -12.47 7.62 -11.63
N VAL B 125 -12.33 8.54 -10.67
CA VAL B 125 -11.75 8.17 -9.38
C VAL B 125 -12.69 7.34 -8.51
N SER B 126 -12.27 6.09 -8.30
CA SER B 126 -12.98 5.12 -7.49
C SER B 126 -12.88 5.43 -5.98
N HIS B 127 -11.66 5.52 -5.46
CA HIS B 127 -11.41 5.74 -4.03
C HIS B 127 -9.92 6.05 -3.78
N HIS B 128 -9.56 6.25 -2.51
CA HIS B 128 -8.17 6.52 -2.15
C HIS B 128 -7.72 5.68 -0.95
N ARG B 129 -6.41 5.46 -0.83
CA ARG B 129 -5.84 4.77 0.32
C ARG B 129 -4.80 5.68 0.97
N LEU B 130 -4.87 5.82 2.29
CA LEU B 130 -3.93 6.69 2.98
C LEU B 130 -3.45 6.06 4.29
N GLU B 131 -2.14 5.90 4.38
CA GLU B 131 -1.50 5.37 5.58
C GLU B 131 -0.45 6.34 6.13
N ILE B 132 -0.42 6.43 7.44
CA ILE B 132 0.53 7.29 8.13
C ILE B 132 1.51 6.39 8.87
N TYR B 133 2.80 6.66 8.72
CA TYR B 133 3.80 5.83 9.38
C TYR B 133 4.56 6.62 10.44
N GLY B 134 4.91 5.91 11.51
CA GLY B 134 5.66 6.49 12.62
C GLY B 134 6.13 5.41 13.56
N VAL B 135 6.27 5.78 14.83
CA VAL B 135 6.65 4.85 15.89
C VAL B 135 5.69 5.07 17.05
N CYS B 136 5.46 4.04 17.86
CA CYS B 136 4.82 4.20 19.18
C CYS B 136 5.59 5.35 19.92
N GLN B 137 5.24 5.80 21.13
CA GLN B 137 4.91 5.04 22.34
C GLN B 137 6.07 4.08 22.66
N GLU B 138 6.80 3.71 21.60
CA GLU B 138 8.26 3.59 21.61
C GLU B 138 8.93 2.21 21.90
N CYS B 139 8.19 1.10 21.98
CA CYS B 139 6.83 0.92 21.46
C CYS B 139 5.79 0.81 22.56
MN MN C . 5.72 8.97 -9.61
ZN ZN D . -6.00 2.06 -17.61
MN MN E . -8.86 0.30 11.53
ZN ZN F . 5.23 0.15 18.15
#